data_3C89
#
_entry.id   3C89
#
_cell.length_a   50.741
_cell.length_b   66.366
_cell.length_c   64.956
_cell.angle_alpha   90.00
_cell.angle_beta   98.43
_cell.angle_gamma   90.00
#
_symmetry.space_group_name_H-M   'P 1 21 1'
#
loop_
_entity.id
_entity.type
_entity.pdbx_description
1 polymer 'Botulinum neurotoxin A light chain'
2 polymer 'Inhibitor peptide RRGM'
3 non-polymer 'ZINC ION'
4 non-polymer 'SULFATE ION'
5 water water
#
loop_
_entity_poly.entity_id
_entity_poly.type
_entity_poly.pdbx_seq_one_letter_code
_entity_poly.pdbx_strand_id
1 'polypeptide(L)'
;MPFVNKQFNYKDPVNGVDIAYIKIPNAGQMQPVKAFKIHNKIWVIPERDTFTNPEEGDLNPPPEAKQVPVSYYDSTYLST
DNEKDNYLKGVTKLFERIYSTDLGRMLLTSIVRGIPFWGGSTIDTELKVIDTNCINVIQPDGSYRSEELNLVIIGPSADI
IQFECKSFGHEVLNLTRNGYGSTQYIRFSPDFTFGFEESLEVDTNPLLGAGKFATDPAVTLAHELIHAGHRLYGIAINPN
RVFKVNTNAYYEMSGLEVSFEELRTFGGHDAKFIDSLQENEFRLYYYNKFKDIASTLNKAKSIVGTTASLQYMKNVFKEK
YLLSEDTSGKFSVDKLKFDKLYKMLTEIYTEDNFVKFFKVLNRKTYLNFDKAVFKINIVPKVNYTIYDGFNLRNTNLAAN
FNGQNTEINNMNFTKLKNFTGLFELEHHHHHH
;
A
2 'polypeptide(L)' RRGM(NH2) B
#
loop_
_chem_comp.id
_chem_comp.type
_chem_comp.name
_chem_comp.formula
NH2 non-polymer 'AMINO GROUP' 'H2 N'
SO4 non-polymer 'SULFATE ION' 'O4 S -2'
ZN non-polymer 'ZINC ION' 'Zn 2'
#
# COMPACT_ATOMS: atom_id res chain seq x y z
N PRO A 2 -10.15 -3.33 18.30
CA PRO A 2 -10.19 -3.08 16.84
C PRO A 2 -9.12 -2.07 16.40
N PHE A 3 -8.66 -2.20 15.16
CA PHE A 3 -7.64 -1.30 14.63
C PHE A 3 -8.25 0.10 14.47
N VAL A 4 -9.50 0.14 14.02
CA VAL A 4 -10.22 1.39 13.84
C VAL A 4 -11.27 1.48 14.95
N ASN A 5 -11.05 2.36 15.92
CA ASN A 5 -11.98 2.50 17.04
C ASN A 5 -13.26 3.27 16.79
N LYS A 6 -13.44 3.77 15.58
CA LYS A 6 -14.65 4.50 15.23
C LYS A 6 -15.24 3.99 13.94
N GLN A 7 -16.53 3.71 13.95
CA GLN A 7 -17.21 3.23 12.75
C GLN A 7 -17.77 4.45 12.03
N PHE A 8 -16.87 5.20 11.40
CA PHE A 8 -17.22 6.40 10.67
C PHE A 8 -18.29 6.25 9.60
N ASN A 9 -19.03 7.34 9.39
CA ASN A 9 -20.06 7.43 8.36
C ASN A 9 -19.55 8.62 7.56
N TYR A 10 -19.58 8.53 6.23
CA TYR A 10 -19.08 9.63 5.42
C TYR A 10 -19.73 10.96 5.77
N LYS A 11 -21.00 10.92 6.14
CA LYS A 11 -21.73 12.15 6.46
C LYS A 11 -21.57 12.68 7.88
N ASP A 12 -20.72 12.03 8.69
CA ASP A 12 -20.49 12.51 10.05
C ASP A 12 -19.91 13.91 9.97
N PRO A 13 -20.37 14.83 10.84
CA PRO A 13 -19.84 16.20 10.81
C PRO A 13 -18.35 16.30 11.07
N VAL A 14 -17.68 17.19 10.33
CA VAL A 14 -16.25 17.36 10.52
C VAL A 14 -16.00 17.90 11.91
N ASN A 15 -14.88 17.52 12.50
CA ASN A 15 -14.54 17.99 13.83
C ASN A 15 -13.12 18.58 13.85
N GLY A 16 -12.48 18.61 12.69
CA GLY A 16 -11.14 19.17 12.60
C GLY A 16 -10.06 18.34 13.29
N VAL A 17 -10.41 17.13 13.72
CA VAL A 17 -9.45 16.25 14.39
C VAL A 17 -9.31 14.95 13.60
N ASP A 18 -10.29 14.07 13.68
CA ASP A 18 -10.22 12.82 12.92
C ASP A 18 -11.20 12.77 11.76
N ILE A 19 -12.00 13.83 11.61
CA ILE A 19 -12.94 13.97 10.48
C ILE A 19 -12.71 15.43 10.11
N ALA A 20 -12.06 15.67 8.98
CA ALA A 20 -11.76 17.05 8.60
C ALA A 20 -11.50 17.22 7.12
N TYR A 21 -11.53 18.47 6.68
CA TYR A 21 -11.23 18.82 5.29
C TYR A 21 -9.74 19.06 5.30
N ILE A 22 -9.04 18.50 4.33
CA ILE A 22 -7.59 18.64 4.28
C ILE A 22 -7.05 18.93 2.89
N LYS A 23 -5.78 19.28 2.85
CA LYS A 23 -5.08 19.55 1.59
C LYS A 23 -3.76 18.78 1.66
N ILE A 24 -3.36 18.20 0.54
CA ILE A 24 -2.12 17.45 0.50
C ILE A 24 -1.03 18.26 -0.21
N PRO A 25 0.24 18.03 0.16
CA PRO A 25 1.38 18.74 -0.43
C PRO A 25 1.72 18.26 -1.84
N ASN A 26 0.83 18.54 -2.79
CA ASN A 26 1.03 18.14 -4.18
C ASN A 26 1.74 19.23 -4.99
N ALA A 27 2.31 20.20 -4.29
CA ALA A 27 3.01 21.31 -4.94
C ALA A 27 2.08 22.08 -5.88
N GLY A 28 0.78 21.92 -5.67
CA GLY A 28 -0.20 22.60 -6.50
C GLY A 28 -1.39 23.07 -5.69
N GLN A 29 -2.43 23.53 -6.37
CA GLN A 29 -3.63 24.02 -5.70
C GLN A 29 -4.75 22.98 -5.77
N MET A 30 -5.61 22.97 -4.77
CA MET A 30 -6.72 22.03 -4.73
C MET A 30 -7.75 22.48 -3.71
N GLN A 31 -8.99 22.05 -3.89
CA GLN A 31 -10.04 22.38 -2.95
C GLN A 31 -9.91 21.33 -1.84
N PRO A 32 -10.16 21.72 -0.59
CA PRO A 32 -10.04 20.74 0.50
C PRO A 32 -10.95 19.54 0.29
N VAL A 33 -10.49 18.36 0.69
CA VAL A 33 -11.27 17.14 0.57
C VAL A 33 -11.53 16.58 1.96
N LYS A 34 -12.70 15.98 2.15
CA LYS A 34 -13.05 15.42 3.44
C LYS A 34 -12.30 14.11 3.66
N ALA A 35 -11.55 14.04 4.77
CA ALA A 35 -10.78 12.84 5.08
C ALA A 35 -11.08 12.34 6.49
N PHE A 36 -10.76 11.07 6.72
CA PHE A 36 -11.00 10.41 8.01
C PHE A 36 -9.74 9.75 8.54
N LYS A 37 -9.40 10.04 9.80
CA LYS A 37 -8.23 9.45 10.43
C LYS A 37 -8.72 8.20 11.15
N ILE A 38 -8.44 7.03 10.58
CA ILE A 38 -8.89 5.78 11.16
C ILE A 38 -7.98 5.18 12.23
N HIS A 39 -6.75 5.68 12.32
CA HIS A 39 -5.79 5.15 13.29
C HIS A 39 -4.63 6.13 13.37
N ASN A 40 -3.86 6.08 14.46
CA ASN A 40 -2.72 6.96 14.57
C ASN A 40 -1.88 6.86 13.28
N LYS A 41 -1.58 8.01 12.67
CA LYS A 41 -0.76 8.08 11.47
C LYS A 41 -1.39 7.56 10.16
N ILE A 42 -2.65 7.16 10.21
CA ILE A 42 -3.30 6.62 9.02
C ILE A 42 -4.63 7.29 8.68
N TRP A 43 -4.73 7.82 7.46
CA TRP A 43 -5.95 8.50 7.00
C TRP A 43 -6.54 7.86 5.75
N VAL A 44 -7.83 8.10 5.54
CA VAL A 44 -8.53 7.59 4.36
C VAL A 44 -9.23 8.78 3.69
N ILE A 45 -9.03 8.92 2.38
CA ILE A 45 -9.65 9.99 1.62
C ILE A 45 -10.55 9.29 0.59
N PRO A 46 -11.87 9.30 0.82
CA PRO A 46 -12.81 8.65 -0.10
C PRO A 46 -13.04 9.46 -1.38
N GLU A 47 -11.97 9.74 -2.11
CA GLU A 47 -12.06 10.49 -3.36
C GLU A 47 -11.19 9.83 -4.42
N ARG A 48 -11.54 10.02 -5.68
CA ARG A 48 -10.72 9.49 -6.77
C ARG A 48 -9.45 10.31 -6.69
N ASP A 49 -8.29 9.71 -6.91
CA ASP A 49 -7.05 10.46 -6.80
C ASP A 49 -6.68 11.32 -8.01
N THR A 50 -7.06 12.58 -7.93
CA THR A 50 -6.75 13.56 -8.97
C THR A 50 -5.86 14.60 -8.31
N PHE A 51 -5.23 14.21 -7.20
CA PHE A 51 -4.38 15.12 -6.43
C PHE A 51 -2.87 14.86 -6.35
N THR A 52 -2.47 13.60 -6.17
CA THR A 52 -1.04 13.30 -6.07
C THR A 52 -0.29 13.59 -7.37
N ASN A 53 -1.00 13.56 -8.49
CA ASN A 53 -0.38 13.84 -9.78
C ASN A 53 -1.28 14.78 -10.58
N PRO A 54 -0.93 16.07 -10.64
CA PRO A 54 -1.70 17.09 -11.37
C PRO A 54 -1.97 16.74 -12.84
N GLU A 55 -1.13 15.88 -13.41
CA GLU A 55 -1.30 15.49 -14.80
C GLU A 55 -2.27 14.33 -14.95
N GLU A 56 -2.78 13.83 -13.83
CA GLU A 56 -3.73 12.74 -13.85
C GLU A 56 -5.02 13.19 -13.18
N GLY A 57 -5.53 14.33 -13.63
CA GLY A 57 -6.77 14.88 -13.07
C GLY A 57 -8.00 14.56 -13.89
N ASP A 58 -7.80 13.94 -15.06
CA ASP A 58 -8.91 13.58 -15.93
C ASP A 58 -9.34 12.14 -15.69
N LEU A 59 -10.57 11.95 -15.24
CA LEU A 59 -11.08 10.60 -14.98
C LEU A 59 -11.80 10.03 -16.19
N ASN A 60 -12.21 10.90 -17.10
CA ASN A 60 -12.92 10.49 -18.30
C ASN A 60 -12.06 9.55 -19.14
N PRO A 61 -12.66 8.47 -19.64
CA PRO A 61 -11.94 7.49 -20.47
C PRO A 61 -11.62 7.98 -21.88
N PRO A 62 -10.37 7.80 -22.33
CA PRO A 62 -9.97 8.23 -23.67
C PRO A 62 -10.81 7.47 -24.69
N PRO A 63 -10.64 7.77 -25.99
CA PRO A 63 -11.43 7.05 -26.99
C PRO A 63 -11.26 5.54 -26.88
N GLU A 64 -12.33 4.80 -27.14
CA GLU A 64 -12.29 3.34 -27.07
C GLU A 64 -11.14 2.73 -27.86
N ALA A 65 -10.76 3.38 -28.96
CA ALA A 65 -9.67 2.89 -29.80
C ALA A 65 -8.30 3.29 -29.25
N LYS A 66 -8.27 3.83 -28.01
CA LYS A 66 -7.01 4.27 -27.42
C LYS A 66 -6.85 3.73 -26.00
N GLN A 67 -7.60 2.72 -25.62
CA GLN A 67 -7.47 2.12 -24.30
C GLN A 67 -6.59 0.88 -24.34
N VAL A 68 -5.85 0.60 -23.27
CA VAL A 68 -4.92 -0.52 -23.25
C VAL A 68 -5.62 -1.83 -22.90
N PRO A 69 -4.84 -2.80 -22.36
CA PRO A 69 -5.35 -4.14 -22.07
C PRO A 69 -6.02 -4.22 -20.68
N VAL A 70 -5.19 -4.44 -19.67
CA VAL A 70 -5.69 -4.57 -18.30
C VAL A 70 -5.96 -3.18 -17.69
N SER A 71 -7.18 -2.69 -17.87
CA SER A 71 -7.58 -1.40 -17.34
C SER A 71 -9.10 -1.30 -17.36
N TYR A 72 -9.65 -0.47 -16.50
CA TYR A 72 -11.09 -0.28 -16.42
C TYR A 72 -11.39 1.16 -16.06
N TYR A 73 -12.22 1.81 -16.87
CA TYR A 73 -12.59 3.20 -16.65
C TYR A 73 -14.07 3.39 -16.36
N ASP A 74 -14.34 4.33 -15.45
CA ASP A 74 -15.70 4.72 -15.06
C ASP A 74 -15.54 6.03 -14.29
N SER A 75 -15.65 7.13 -15.02
CA SER A 75 -15.48 8.44 -14.43
C SER A 75 -16.48 8.78 -13.31
N THR A 76 -17.58 8.03 -13.23
CA THR A 76 -18.59 8.28 -12.20
C THR A 76 -18.36 7.55 -10.89
N TYR A 77 -17.50 6.53 -10.90
CA TYR A 77 -17.24 5.78 -9.69
C TYR A 77 -16.70 6.66 -8.57
N LEU A 78 -17.27 6.50 -7.38
CA LEU A 78 -16.87 7.22 -6.18
C LEU A 78 -17.14 8.72 -6.27
N SER A 79 -18.27 9.09 -6.84
CA SER A 79 -18.64 10.50 -6.98
C SER A 79 -19.81 10.88 -6.08
N THR A 80 -20.50 9.89 -5.51
CA THR A 80 -21.65 10.17 -4.65
C THR A 80 -21.34 9.89 -3.18
N ASP A 81 -22.11 10.50 -2.29
CA ASP A 81 -21.92 10.32 -0.85
C ASP A 81 -22.10 8.87 -0.41
N ASN A 82 -23.07 8.16 -0.99
CA ASN A 82 -23.30 6.77 -0.61
C ASN A 82 -22.09 5.92 -0.99
N GLU A 83 -21.53 6.17 -2.17
CA GLU A 83 -20.36 5.42 -2.61
C GLU A 83 -19.19 5.68 -1.68
N LYS A 84 -19.03 6.93 -1.28
CA LYS A 84 -17.93 7.30 -0.39
C LYS A 84 -18.11 6.68 0.98
N ASP A 85 -19.36 6.60 1.43
CA ASP A 85 -19.67 5.99 2.71
C ASP A 85 -19.31 4.50 2.65
N ASN A 86 -19.66 3.86 1.53
CA ASN A 86 -19.39 2.44 1.35
C ASN A 86 -17.89 2.20 1.20
N TYR A 87 -17.19 3.15 0.56
CA TYR A 87 -15.75 3.04 0.36
C TYR A 87 -15.06 3.07 1.73
N LEU A 88 -15.44 4.04 2.55
CA LEU A 88 -14.86 4.19 3.89
C LEU A 88 -15.07 2.92 4.73
N LYS A 89 -16.30 2.41 4.73
CA LYS A 89 -16.63 1.21 5.49
C LYS A 89 -15.91 -0.04 4.95
N GLY A 90 -15.74 -0.11 3.64
CA GLY A 90 -15.04 -1.23 3.02
C GLY A 90 -13.56 -1.24 3.34
N VAL A 91 -12.92 -0.08 3.25
CA VAL A 91 -11.51 0.03 3.55
C VAL A 91 -11.30 -0.28 5.03
N THR A 92 -12.19 0.22 5.87
CA THR A 92 -12.10 -0.04 7.31
C THR A 92 -12.18 -1.53 7.61
N LYS A 93 -13.14 -2.22 7.00
CA LYS A 93 -13.32 -3.64 7.22
C LYS A 93 -12.07 -4.41 6.80
N LEU A 94 -11.44 -3.99 5.71
CA LEU A 94 -10.23 -4.67 5.26
C LEU A 94 -9.07 -4.47 6.24
N PHE A 95 -8.97 -3.27 6.82
CA PHE A 95 -7.90 -3.05 7.80
C PHE A 95 -8.14 -3.97 9.00
N GLU A 96 -9.40 -4.14 9.38
CA GLU A 96 -9.72 -5.00 10.52
C GLU A 96 -9.41 -6.47 10.18
N ARG A 97 -9.72 -6.88 8.96
CA ARG A 97 -9.45 -8.26 8.54
C ARG A 97 -7.94 -8.51 8.60
N ILE A 98 -7.17 -7.55 8.12
CA ILE A 98 -5.72 -7.65 8.13
C ILE A 98 -5.19 -7.67 9.56
N TYR A 99 -5.68 -6.74 10.37
CA TYR A 99 -5.25 -6.63 11.75
C TYR A 99 -5.62 -7.85 12.60
N SER A 100 -6.65 -8.59 12.19
CA SER A 100 -7.10 -9.77 12.93
C SER A 100 -6.13 -10.95 12.84
N THR A 101 -5.15 -10.85 11.96
CA THR A 101 -4.16 -11.91 11.79
C THR A 101 -2.86 -11.46 12.47
N ASP A 102 -2.08 -12.42 12.98
CA ASP A 102 -0.84 -12.03 13.63
C ASP A 102 0.08 -11.31 12.66
N LEU A 103 0.13 -11.77 11.42
CA LEU A 103 1.00 -11.16 10.42
C LEU A 103 0.55 -9.73 10.10
N GLY A 104 -0.75 -9.53 9.96
CA GLY A 104 -1.29 -8.20 9.68
C GLY A 104 -1.03 -7.25 10.83
N ARG A 105 -1.15 -7.76 12.06
CA ARG A 105 -0.91 -6.94 13.24
C ARG A 105 0.56 -6.52 13.23
N MET A 106 1.44 -7.44 12.84
CA MET A 106 2.87 -7.15 12.80
C MET A 106 3.16 -6.10 11.75
N LEU A 107 2.59 -6.28 10.56
CA LEU A 107 2.79 -5.34 9.46
C LEU A 107 2.26 -3.95 9.79
N LEU A 108 1.04 -3.88 10.33
CA LEU A 108 0.45 -2.59 10.66
C LEU A 108 1.22 -1.88 11.78
N THR A 109 1.77 -2.65 12.71
CA THR A 109 2.56 -2.08 13.79
C THR A 109 3.83 -1.47 13.18
N SER A 110 4.44 -2.19 12.25
CA SER A 110 5.65 -1.70 11.59
C SER A 110 5.36 -0.41 10.80
N ILE A 111 4.21 -0.37 10.16
CA ILE A 111 3.85 0.81 9.38
C ILE A 111 3.66 2.02 10.28
N VAL A 112 2.94 1.85 11.40
CA VAL A 112 2.71 2.96 12.31
C VAL A 112 4.02 3.47 12.91
N ARG A 113 4.95 2.56 13.20
CA ARG A 113 6.24 2.95 13.76
C ARG A 113 7.15 3.54 12.69
N GLY A 114 6.80 3.31 11.42
CA GLY A 114 7.63 3.78 10.32
C GLY A 114 7.52 5.24 9.93
N ILE A 115 7.53 6.12 10.94
CA ILE A 115 7.44 7.55 10.69
C ILE A 115 8.55 8.02 9.75
N PRO A 116 8.19 8.75 8.67
CA PRO A 116 9.20 9.25 7.72
C PRO A 116 10.26 10.08 8.45
N PHE A 117 11.52 9.83 8.13
CA PHE A 117 12.62 10.54 8.77
C PHE A 117 12.59 12.06 8.63
N TRP A 118 12.99 12.74 9.70
CA TRP A 118 13.06 14.20 9.72
C TRP A 118 14.39 14.64 9.11
N GLY A 119 14.49 14.55 7.79
CA GLY A 119 15.72 14.95 7.12
C GLY A 119 15.56 16.11 6.18
N GLY A 120 14.71 17.07 6.55
CA GLY A 120 14.48 18.21 5.69
C GLY A 120 15.36 19.42 5.95
N SER A 121 16.16 19.37 7.02
CA SER A 121 17.03 20.48 7.36
C SER A 121 18.26 20.55 6.47
N THR A 122 18.71 21.76 6.19
CA THR A 122 19.90 21.98 5.36
C THR A 122 21.12 22.12 6.28
N ILE A 123 20.85 22.25 7.58
CA ILE A 123 21.90 22.38 8.58
C ILE A 123 21.95 21.06 9.35
N ASP A 124 23.06 20.34 9.22
CA ASP A 124 23.20 19.04 9.88
C ASP A 124 23.19 19.06 11.41
N THR A 125 23.12 20.23 12.01
CA THR A 125 23.11 20.32 13.47
C THR A 125 21.67 20.47 13.97
N GLU A 126 20.71 20.40 13.06
CA GLU A 126 19.31 20.52 13.42
C GLU A 126 18.45 19.50 12.68
N LEU A 127 17.42 19.00 13.36
CA LEU A 127 16.50 18.03 12.76
C LEU A 127 15.21 18.72 12.36
N LYS A 128 14.81 18.57 11.11
CA LYS A 128 13.59 19.19 10.63
C LYS A 128 12.76 18.22 9.80
N VAL A 129 11.44 18.31 9.97
CA VAL A 129 10.52 17.44 9.25
C VAL A 129 10.44 17.87 7.78
N ILE A 130 10.14 16.92 6.90
CA ILE A 130 9.99 17.21 5.49
C ILE A 130 8.49 17.43 5.31
N ASP A 131 8.11 18.66 4.94
CA ASP A 131 6.69 19.01 4.80
C ASP A 131 5.82 18.16 3.90
N THR A 132 6.41 17.45 2.93
CA THR A 132 5.59 16.61 2.05
C THR A 132 5.18 15.29 2.72
N ASN A 133 5.61 15.10 3.96
CA ASN A 133 5.24 13.91 4.72
C ASN A 133 4.16 14.34 5.71
N CYS A 134 3.51 15.46 5.39
CA CYS A 134 2.43 16.00 6.22
C CYS A 134 1.24 16.36 5.35
N ILE A 135 0.12 16.63 6.00
CA ILE A 135 -1.10 17.06 5.34
C ILE A 135 -1.55 18.29 6.12
N ASN A 136 -2.27 19.18 5.47
CA ASN A 136 -2.75 20.37 6.16
C ASN A 136 -4.21 20.18 6.53
N VAL A 137 -4.47 20.11 7.82
CA VAL A 137 -5.81 19.90 8.35
C VAL A 137 -6.51 21.20 8.72
N ILE A 138 -7.72 21.39 8.22
CA ILE A 138 -8.49 22.60 8.55
C ILE A 138 -9.06 22.42 9.95
N GLN A 139 -8.64 23.29 10.86
CA GLN A 139 -9.11 23.25 12.25
C GLN A 139 -10.48 23.90 12.38
N PRO A 140 -11.14 23.73 13.54
CA PRO A 140 -12.46 24.31 13.75
C PRO A 140 -12.54 25.82 13.50
N ASP A 141 -11.44 26.53 13.73
CA ASP A 141 -11.43 27.98 13.52
C ASP A 141 -11.15 28.37 12.07
N GLY A 142 -11.00 27.37 11.21
CA GLY A 142 -10.75 27.64 9.80
C GLY A 142 -9.28 27.70 9.40
N SER A 143 -8.39 27.68 10.39
CA SER A 143 -6.96 27.74 10.11
C SER A 143 -6.43 26.34 9.78
N TYR A 144 -5.27 26.29 9.15
CA TYR A 144 -4.63 25.03 8.79
C TYR A 144 -3.55 24.66 9.79
N ARG A 145 -3.44 23.37 10.09
CA ARG A 145 -2.39 22.90 10.98
C ARG A 145 -1.74 21.72 10.27
N SER A 146 -0.41 21.66 10.36
CA SER A 146 0.35 20.61 9.71
C SER A 146 0.39 19.36 10.58
N GLU A 147 0.02 18.22 9.99
CA GLU A 147 0.03 16.96 10.71
C GLU A 147 0.83 15.92 9.94
N GLU A 148 1.78 15.30 10.63
CA GLU A 148 2.60 14.25 10.01
C GLU A 148 1.75 13.00 9.98
N LEU A 149 1.90 12.23 8.90
CA LEU A 149 1.17 10.98 8.76
C LEU A 149 2.04 10.02 7.96
N ASN A 150 1.76 8.73 8.09
CA ASN A 150 2.54 7.71 7.38
C ASN A 150 1.81 7.13 6.18
N LEU A 151 0.49 7.01 6.29
CA LEU A 151 -0.27 6.37 5.24
C LEU A 151 -1.62 7.01 4.93
N VAL A 152 -1.94 7.03 3.65
CA VAL A 152 -3.21 7.57 3.18
C VAL A 152 -3.77 6.58 2.18
N ILE A 153 -5.02 6.16 2.38
CA ILE A 153 -5.65 5.27 1.42
C ILE A 153 -6.57 6.20 0.65
N ILE A 154 -6.43 6.22 -0.67
CA ILE A 154 -7.24 7.09 -1.50
C ILE A 154 -7.80 6.32 -2.69
N GLY A 155 -8.89 6.82 -3.28
CA GLY A 155 -9.48 6.14 -4.42
C GLY A 155 -8.53 6.17 -5.61
N PRO A 156 -8.75 5.28 -6.59
CA PRO A 156 -7.90 5.23 -7.78
C PRO A 156 -8.07 6.45 -8.69
N SER A 157 -7.13 6.61 -9.61
CA SER A 157 -7.19 7.73 -10.56
C SER A 157 -8.06 7.25 -11.72
N ALA A 158 -7.77 7.71 -12.93
CA ALA A 158 -8.55 7.33 -14.11
C ALA A 158 -8.75 5.81 -14.25
N ASP A 159 -7.64 5.08 -14.27
CA ASP A 159 -7.72 3.62 -14.38
C ASP A 159 -8.08 3.11 -12.99
N ILE A 160 -9.33 2.71 -12.83
CA ILE A 160 -9.83 2.23 -11.55
C ILE A 160 -9.06 1.07 -10.95
N ILE A 161 -8.61 0.15 -11.79
CA ILE A 161 -7.88 -1.00 -11.27
C ILE A 161 -6.37 -0.88 -11.18
N GLN A 162 -5.84 0.33 -11.39
CA GLN A 162 -4.41 0.54 -11.26
C GLN A 162 -4.11 0.95 -9.82
N PHE A 163 -4.06 -0.06 -8.94
CA PHE A 163 -3.78 0.22 -7.53
C PHE A 163 -2.26 0.36 -7.40
N GLU A 164 -1.80 1.24 -6.52
CA GLU A 164 -0.37 1.41 -6.39
C GLU A 164 -0.03 2.41 -5.29
N CYS A 165 1.23 2.38 -4.84
CA CYS A 165 1.70 3.29 -3.83
C CYS A 165 2.29 4.52 -4.52
N LYS A 166 1.92 5.69 -4.03
CA LYS A 166 2.44 6.93 -4.59
C LYS A 166 2.91 7.76 -3.43
N SER A 167 3.99 8.49 -3.62
CA SER A 167 4.52 9.35 -2.57
C SER A 167 5.22 10.54 -3.20
N PHE A 168 5.30 11.63 -2.46
CA PHE A 168 5.95 12.82 -2.98
C PHE A 168 7.44 12.69 -2.85
N GLY A 169 8.14 12.98 -3.96
CA GLY A 169 9.58 12.89 -3.98
C GLY A 169 10.27 14.11 -3.40
N HIS A 170 11.59 14.09 -3.44
CA HIS A 170 12.39 15.19 -2.93
C HIS A 170 13.33 15.65 -4.04
N GLU A 171 13.67 16.94 -4.01
CA GLU A 171 14.55 17.52 -5.02
C GLU A 171 15.85 16.78 -5.25
N VAL A 172 16.41 16.21 -4.18
CA VAL A 172 17.67 15.47 -4.29
C VAL A 172 17.61 14.07 -3.69
N LEU A 173 16.92 13.96 -2.56
CA LEU A 173 16.80 12.69 -1.84
C LEU A 173 15.77 11.73 -2.44
N ASN A 174 16.14 10.46 -2.52
CA ASN A 174 15.25 9.42 -3.02
C ASN A 174 14.73 8.80 -1.73
N LEU A 175 13.70 9.42 -1.17
CA LEU A 175 13.11 9.03 0.10
C LEU A 175 12.70 7.56 0.28
N THR A 176 12.21 6.91 -0.77
CA THR A 176 11.80 5.52 -0.62
C THR A 176 12.96 4.56 -0.80
N ARG A 177 14.15 5.07 -1.07
CA ARG A 177 15.31 4.21 -1.26
C ARG A 177 16.57 4.63 -0.52
N ASN A 178 16.47 5.63 0.37
CA ASN A 178 17.63 6.09 1.12
C ASN A 178 17.45 5.90 2.62
N GLY A 179 16.54 5.00 3.00
CA GLY A 179 16.28 4.74 4.40
C GLY A 179 15.38 5.73 5.10
N TYR A 180 15.20 6.91 4.51
CA TYR A 180 14.36 7.96 5.11
C TYR A 180 12.89 7.60 5.21
N GLY A 181 12.29 7.28 4.07
CA GLY A 181 10.88 6.96 4.05
C GLY A 181 10.09 8.21 3.72
N SER A 182 8.85 8.02 3.28
CA SER A 182 7.98 9.14 2.92
C SER A 182 6.54 8.70 3.09
N THR A 183 5.63 9.65 3.25
CA THR A 183 4.22 9.33 3.41
C THR A 183 3.72 8.62 2.16
N GLN A 184 3.04 7.50 2.37
CA GLN A 184 2.53 6.70 1.27
C GLN A 184 1.05 6.88 1.01
N TYR A 185 0.72 7.13 -0.25
CA TYR A 185 -0.65 7.30 -0.70
C TYR A 185 -0.96 6.07 -1.54
N ILE A 186 -1.85 5.22 -1.04
CA ILE A 186 -2.20 4.01 -1.77
C ILE A 186 -3.49 4.18 -2.53
N ARG A 187 -3.42 4.11 -3.86
CA ARG A 187 -4.61 4.21 -4.70
C ARG A 187 -5.18 2.81 -4.59
N PHE A 188 -6.42 2.71 -4.09
CA PHE A 188 -7.03 1.41 -3.88
C PHE A 188 -8.54 1.51 -3.80
N SER A 189 -9.23 0.42 -4.15
CA SER A 189 -10.68 0.38 -4.05
C SER A 189 -11.13 -0.97 -3.52
N PRO A 190 -12.05 -0.98 -2.55
CA PRO A 190 -12.55 -2.23 -1.96
C PRO A 190 -13.83 -2.63 -2.72
N ASP A 191 -14.18 -1.86 -3.75
CA ASP A 191 -15.41 -2.11 -4.51
C ASP A 191 -15.28 -2.93 -5.77
N PHE A 192 -14.05 -3.37 -6.06
CA PHE A 192 -13.77 -4.18 -7.23
C PHE A 192 -12.73 -5.20 -6.82
N THR A 193 -12.69 -6.32 -7.53
CA THR A 193 -11.66 -7.30 -7.30
C THR A 193 -11.35 -8.01 -8.61
N PHE A 194 -10.34 -8.87 -8.59
CA PHE A 194 -9.88 -9.53 -9.80
C PHE A 194 -10.10 -11.03 -9.82
N GLY A 195 -10.29 -11.54 -11.01
CA GLY A 195 -10.50 -12.96 -11.16
C GLY A 195 -9.28 -13.68 -11.67
N PHE A 196 -9.01 -14.84 -11.08
CA PHE A 196 -7.87 -15.64 -11.47
C PHE A 196 -8.32 -17.09 -11.65
N GLU A 197 -7.42 -17.93 -12.14
CA GLU A 197 -7.74 -19.33 -12.37
C GLU A 197 -7.05 -20.30 -11.42
N GLU A 198 -7.79 -21.34 -11.03
CA GLU A 198 -7.31 -22.35 -10.10
C GLU A 198 -6.18 -23.25 -10.60
N SER A 199 -6.08 -23.43 -11.92
CA SER A 199 -5.01 -24.26 -12.48
C SER A 199 -3.86 -23.34 -12.89
N LEU A 200 -2.65 -23.67 -12.45
CA LEU A 200 -1.48 -22.87 -12.76
C LEU A 200 -1.24 -22.70 -14.26
N GLU A 201 -1.37 -23.78 -15.02
CA GLU A 201 -1.16 -23.71 -16.46
C GLU A 201 -2.18 -22.82 -17.17
N VAL A 202 -3.33 -22.61 -16.53
CA VAL A 202 -4.36 -21.75 -17.12
C VAL A 202 -4.14 -20.31 -16.65
N ASP A 203 -3.86 -20.13 -15.35
CA ASP A 203 -3.66 -18.80 -14.80
C ASP A 203 -2.49 -18.05 -15.42
N THR A 204 -1.44 -18.78 -15.79
CA THR A 204 -0.26 -18.16 -16.37
C THR A 204 -0.28 -18.10 -17.90
N ASN A 205 -1.44 -18.40 -18.48
CA ASN A 205 -1.61 -18.39 -19.94
C ASN A 205 -2.56 -17.23 -20.26
N PRO A 206 -2.15 -16.34 -21.18
CA PRO A 206 -2.99 -15.20 -21.55
C PRO A 206 -4.18 -15.48 -22.45
N LEU A 207 -4.30 -16.73 -22.90
CA LEU A 207 -5.40 -17.09 -23.80
C LEU A 207 -6.48 -17.95 -23.15
N LEU A 208 -6.27 -18.34 -21.89
CA LEU A 208 -7.21 -19.23 -21.22
C LEU A 208 -7.80 -18.72 -19.91
N GLY A 209 -9.02 -19.16 -19.63
CA GLY A 209 -9.68 -18.79 -18.40
C GLY A 209 -10.52 -17.54 -18.42
N ALA A 210 -11.63 -17.58 -17.70
CA ALA A 210 -12.54 -16.44 -17.61
C ALA A 210 -12.47 -15.76 -16.25
N GLY A 211 -11.72 -16.36 -15.32
CA GLY A 211 -11.58 -15.82 -13.97
C GLY A 211 -12.61 -16.39 -13.02
N LYS A 212 -12.57 -17.71 -12.82
CA LYS A 212 -13.52 -18.39 -11.94
C LYS A 212 -13.47 -17.97 -10.48
N PHE A 213 -12.26 -17.77 -9.95
CA PHE A 213 -12.11 -17.38 -8.56
C PHE A 213 -11.78 -15.90 -8.42
N ALA A 214 -12.28 -15.30 -7.34
CA ALA A 214 -12.05 -13.90 -7.09
C ALA A 214 -11.00 -13.70 -6.01
N THR A 215 -10.10 -12.76 -6.28
CA THR A 215 -9.05 -12.44 -5.32
C THR A 215 -9.70 -11.79 -4.10
N ASP A 216 -9.29 -12.19 -2.90
CA ASP A 216 -9.86 -11.57 -1.70
C ASP A 216 -9.22 -10.18 -1.63
N PRO A 217 -10.04 -9.11 -1.61
CA PRO A 217 -9.49 -7.75 -1.55
C PRO A 217 -8.55 -7.44 -0.39
N ALA A 218 -8.61 -8.24 0.68
CA ALA A 218 -7.73 -8.02 1.82
C ALA A 218 -6.29 -8.35 1.42
N VAL A 219 -6.13 -9.33 0.51
CA VAL A 219 -4.81 -9.69 0.04
C VAL A 219 -4.25 -8.56 -0.84
N THR A 220 -5.10 -8.02 -1.70
CA THR A 220 -4.70 -6.94 -2.58
C THR A 220 -4.25 -5.72 -1.77
N LEU A 221 -5.00 -5.36 -0.74
CA LEU A 221 -4.61 -4.23 0.10
C LEU A 221 -3.31 -4.54 0.84
N ALA A 222 -3.20 -5.76 1.38
CA ALA A 222 -1.99 -6.16 2.09
C ALA A 222 -0.78 -6.04 1.17
N HIS A 223 -0.94 -6.42 -0.09
CA HIS A 223 0.14 -6.33 -1.07
C HIS A 223 0.62 -4.87 -1.11
N GLU A 224 -0.32 -3.94 -1.22
CA GLU A 224 0.07 -2.53 -1.26
C GLU A 224 0.66 -2.07 0.07
N LEU A 225 0.14 -2.59 1.18
CA LEU A 225 0.68 -2.20 2.47
C LEU A 225 2.13 -2.70 2.63
N ILE A 226 2.47 -3.80 1.97
CA ILE A 226 3.82 -4.33 2.04
C ILE A 226 4.75 -3.39 1.29
N HIS A 227 4.29 -2.91 0.13
CA HIS A 227 5.08 -1.95 -0.63
C HIS A 227 5.25 -0.71 0.25
N ALA A 228 4.16 -0.27 0.88
CA ALA A 228 4.18 0.91 1.74
C ALA A 228 5.22 0.75 2.85
N GLY A 229 5.29 -0.45 3.41
CA GLY A 229 6.26 -0.72 4.46
C GLY A 229 7.67 -0.55 3.95
N HIS A 230 7.95 -1.06 2.76
CA HIS A 230 9.28 -0.93 2.17
C HIS A 230 9.60 0.54 1.98
N ARG A 231 8.64 1.28 1.43
CA ARG A 231 8.84 2.69 1.16
C ARG A 231 8.92 3.57 2.41
N LEU A 232 8.19 3.21 3.46
CA LEU A 232 8.24 3.96 4.72
C LEU A 232 9.57 3.80 5.44
N TYR A 233 10.22 2.67 5.22
CA TYR A 233 11.51 2.41 5.83
C TYR A 233 12.64 2.70 4.84
N GLY A 234 12.26 3.27 3.70
CA GLY A 234 13.20 3.63 2.67
C GLY A 234 14.05 2.52 2.10
N ILE A 235 13.48 1.32 2.00
CA ILE A 235 14.22 0.18 1.46
C ILE A 235 13.58 -0.45 0.23
N ALA A 236 12.78 0.34 -0.51
CA ALA A 236 12.15 -0.17 -1.72
C ALA A 236 13.25 -0.37 -2.76
N ILE A 237 13.13 -1.42 -3.57
CA ILE A 237 14.14 -1.68 -4.60
C ILE A 237 13.88 -0.82 -5.83
N ASN A 238 14.93 -0.15 -6.30
CA ASN A 238 14.84 0.72 -7.47
C ASN A 238 14.09 0.01 -8.60
N PRO A 239 13.06 0.65 -9.14
CA PRO A 239 12.28 0.05 -10.23
C PRO A 239 13.09 -0.30 -11.48
N ASN A 240 14.30 0.23 -11.61
CA ASN A 240 15.12 -0.09 -12.77
C ASN A 240 15.76 -1.47 -12.63
N ARG A 241 15.64 -2.05 -11.43
CA ARG A 241 16.18 -3.38 -11.18
C ARG A 241 15.03 -4.35 -11.44
N VAL A 242 15.11 -5.06 -12.56
CA VAL A 242 14.05 -5.98 -12.96
C VAL A 242 14.53 -7.38 -13.31
N PHE A 243 13.57 -8.30 -13.37
CA PHE A 243 13.82 -9.68 -13.74
C PHE A 243 13.32 -9.86 -15.17
N LYS A 244 14.24 -10.17 -16.08
CA LYS A 244 13.88 -10.40 -17.47
C LYS A 244 13.28 -11.80 -17.52
N VAL A 245 11.98 -11.88 -17.23
CA VAL A 245 11.24 -13.14 -17.19
C VAL A 245 11.61 -14.14 -18.28
N ASN A 246 12.11 -15.29 -17.87
CA ASN A 246 12.51 -16.35 -18.79
C ASN A 246 11.90 -17.67 -18.35
N THR A 247 10.80 -17.58 -17.61
CA THR A 247 10.11 -18.76 -17.10
C THR A 247 8.68 -18.85 -17.63
N ASN A 248 8.33 -17.93 -18.53
CA ASN A 248 7.01 -17.89 -19.13
C ASN A 248 7.16 -17.42 -20.57
N ALA A 249 6.94 -18.33 -21.52
CA ALA A 249 7.08 -18.02 -22.93
C ALA A 249 6.25 -16.83 -23.41
N TYR A 250 5.12 -16.59 -22.78
CA TYR A 250 4.26 -15.48 -23.17
C TYR A 250 4.84 -14.15 -22.71
N TYR A 251 5.54 -14.18 -21.58
CA TYR A 251 6.19 -12.97 -21.06
C TYR A 251 7.42 -12.74 -21.93
N GLU A 252 8.20 -13.79 -22.13
CA GLU A 252 9.43 -13.75 -22.91
C GLU A 252 9.25 -13.25 -24.34
N MET A 253 8.26 -13.80 -25.04
CA MET A 253 7.99 -13.41 -26.42
C MET A 253 7.69 -11.92 -26.55
N SER A 254 7.34 -11.29 -25.43
CA SER A 254 7.03 -9.87 -25.44
C SER A 254 8.10 -9.10 -24.68
N GLY A 255 9.15 -9.80 -24.26
CA GLY A 255 10.23 -9.18 -23.54
C GLY A 255 9.78 -8.48 -22.27
N LEU A 256 8.74 -9.03 -21.63
CA LEU A 256 8.21 -8.44 -20.41
C LEU A 256 9.18 -8.58 -19.23
N GLU A 257 9.32 -7.50 -18.48
CA GLU A 257 10.21 -7.48 -17.33
C GLU A 257 9.39 -7.15 -16.09
N VAL A 258 9.75 -7.73 -14.95
CA VAL A 258 9.06 -7.49 -13.70
C VAL A 258 10.07 -7.03 -12.67
N SER A 259 9.81 -5.91 -12.00
CA SER A 259 10.73 -5.39 -11.02
C SER A 259 10.97 -6.32 -9.83
N PHE A 260 12.18 -6.26 -9.27
CA PHE A 260 12.50 -7.09 -8.12
C PHE A 260 11.60 -6.71 -6.94
N GLU A 261 11.22 -5.44 -6.85
CA GLU A 261 10.36 -4.95 -5.78
C GLU A 261 9.03 -5.73 -5.77
N GLU A 262 8.49 -6.02 -6.95
CA GLU A 262 7.24 -6.78 -7.03
C GLU A 262 7.46 -8.25 -6.66
N LEU A 263 8.54 -8.85 -7.15
CA LEU A 263 8.82 -10.25 -6.84
C LEU A 263 9.04 -10.43 -5.34
N ARG A 264 9.76 -9.49 -4.74
CA ARG A 264 10.02 -9.50 -3.30
C ARG A 264 8.71 -9.40 -2.54
N THR A 265 7.85 -8.48 -2.99
CA THR A 265 6.58 -8.26 -2.33
C THR A 265 5.65 -9.46 -2.40
N PHE A 266 5.63 -10.16 -3.53
CA PHE A 266 4.79 -11.34 -3.63
C PHE A 266 5.35 -12.44 -2.73
N GLY A 267 6.67 -12.60 -2.75
CA GLY A 267 7.32 -13.61 -1.94
C GLY A 267 7.30 -14.99 -2.55
N GLY A 268 7.22 -16.01 -1.70
CA GLY A 268 7.19 -17.39 -2.18
C GLY A 268 8.32 -17.70 -3.14
N HIS A 269 8.04 -18.50 -4.17
CA HIS A 269 9.08 -18.85 -5.13
C HIS A 269 9.49 -17.67 -5.99
N ASP A 270 8.62 -16.68 -6.11
CA ASP A 270 8.91 -15.51 -6.93
C ASP A 270 10.15 -14.78 -6.43
N ALA A 271 10.28 -14.68 -5.11
CA ALA A 271 11.41 -13.98 -4.50
C ALA A 271 12.75 -14.60 -4.88
N LYS A 272 12.72 -15.88 -5.24
CA LYS A 272 13.94 -16.60 -5.62
C LYS A 272 14.53 -16.13 -6.93
N PHE A 273 13.77 -15.35 -7.71
CA PHE A 273 14.28 -14.86 -8.99
C PHE A 273 15.29 -13.74 -8.80
N ILE A 274 15.49 -13.32 -7.55
CA ILE A 274 16.46 -12.28 -7.23
C ILE A 274 17.68 -13.05 -6.71
N ASP A 275 18.72 -13.15 -7.53
CA ASP A 275 19.93 -13.89 -7.16
C ASP A 275 20.60 -13.37 -5.90
N SER A 276 21.33 -14.27 -5.22
CA SER A 276 22.03 -13.96 -3.98
C SER A 276 22.94 -12.74 -4.07
N LEU A 277 23.71 -12.65 -5.15
CA LEU A 277 24.63 -11.52 -5.32
C LEU A 277 23.91 -10.17 -5.28
N GLN A 278 22.86 -10.02 -6.08
CA GLN A 278 22.12 -8.78 -6.12
C GLN A 278 21.39 -8.52 -4.81
N GLU A 279 20.90 -9.59 -4.18
CA GLU A 279 20.19 -9.45 -2.92
C GLU A 279 21.15 -8.93 -1.86
N ASN A 280 22.37 -9.45 -1.86
CA ASN A 280 23.39 -9.02 -0.90
C ASN A 280 23.76 -7.58 -1.17
N GLU A 281 23.78 -7.21 -2.45
CA GLU A 281 24.12 -5.86 -2.86
C GLU A 281 23.13 -4.87 -2.24
N PHE A 282 21.84 -5.20 -2.34
CA PHE A 282 20.79 -4.33 -1.79
C PHE A 282 20.89 -4.23 -0.28
N ARG A 283 21.06 -5.37 0.38
CA ARG A 283 21.17 -5.40 1.84
C ARG A 283 22.28 -4.50 2.35
N LEU A 284 23.45 -4.58 1.72
CA LEU A 284 24.58 -3.75 2.11
C LEU A 284 24.27 -2.28 1.86
N TYR A 285 23.64 -2.01 0.72
CA TYR A 285 23.26 -0.65 0.33
C TYR A 285 22.37 0.00 1.38
N TYR A 286 21.33 -0.71 1.79
CA TYR A 286 20.41 -0.18 2.78
C TYR A 286 21.01 -0.16 4.18
N TYR A 287 21.93 -1.08 4.45
CA TYR A 287 22.60 -1.10 5.74
C TYR A 287 23.34 0.22 5.89
N ASN A 288 24.00 0.64 4.81
CA ASN A 288 24.75 1.89 4.83
C ASN A 288 23.82 3.08 5.00
N LYS A 289 22.69 3.03 4.32
CA LYS A 289 21.71 4.11 4.42
C LYS A 289 21.27 4.29 5.86
N PHE A 290 21.11 3.18 6.58
CA PHE A 290 20.70 3.23 7.98
C PHE A 290 21.84 3.82 8.81
N LYS A 291 23.07 3.58 8.38
CA LYS A 291 24.23 4.11 9.09
C LYS A 291 24.23 5.63 8.99
N ASP A 292 23.87 6.14 7.82
CA ASP A 292 23.83 7.59 7.61
C ASP A 292 22.77 8.21 8.51
N ILE A 293 21.65 7.53 8.66
CA ILE A 293 20.57 8.02 9.51
C ILE A 293 21.06 8.09 10.96
N ALA A 294 21.83 7.08 11.35
CA ALA A 294 22.37 7.02 12.71
C ALA A 294 23.32 8.18 12.94
N SER A 295 24.17 8.47 11.95
CA SER A 295 25.14 9.56 12.06
C SER A 295 24.44 10.91 12.03
N THR A 296 23.44 11.06 11.15
CA THR A 296 22.71 12.31 11.05
C THR A 296 22.08 12.64 12.40
N LEU A 297 21.63 11.60 13.10
CA LEU A 297 21.02 11.79 14.41
C LEU A 297 22.07 12.21 15.44
N ASN A 298 23.31 11.80 15.21
CA ASN A 298 24.40 12.14 16.13
C ASN A 298 24.81 13.60 15.98
N LYS A 299 24.75 14.11 14.76
CA LYS A 299 25.11 15.50 14.48
C LYS A 299 24.01 16.49 14.86
N ALA A 300 22.81 15.97 15.09
CA ALA A 300 21.67 16.81 15.46
C ALA A 300 21.81 17.36 16.88
N LYS A 301 21.92 18.68 16.98
CA LYS A 301 22.05 19.34 18.27
C LYS A 301 20.81 20.14 18.64
N SER A 302 19.95 20.38 17.65
CA SER A 302 18.72 21.13 17.89
C SER A 302 17.58 20.61 17.01
N ILE A 303 16.35 20.93 17.37
CA ILE A 303 15.19 20.49 16.61
C ILE A 303 14.36 21.69 16.16
N VAL A 304 13.77 21.59 14.97
CA VAL A 304 12.94 22.67 14.45
C VAL A 304 11.49 22.39 14.81
N GLY A 305 10.78 23.43 15.24
CA GLY A 305 9.39 23.26 15.62
C GLY A 305 9.25 23.15 17.13
N THR A 306 8.01 23.12 17.62
CA THR A 306 7.77 23.03 19.04
C THR A 306 6.75 21.94 19.39
N THR A 307 6.38 21.13 18.41
CA THR A 307 5.41 20.07 18.63
C THR A 307 6.00 18.92 19.46
N ALA A 308 7.25 18.56 19.17
CA ALA A 308 7.92 17.48 19.89
C ALA A 308 9.33 17.91 20.28
N SER A 309 9.87 17.26 21.30
CA SER A 309 11.23 17.57 21.77
C SER A 309 12.27 16.78 20.99
N LEU A 310 13.49 17.27 20.98
CA LEU A 310 14.58 16.60 20.26
C LEU A 310 14.79 15.18 20.76
N GLN A 311 14.83 15.00 22.08
CA GLN A 311 15.03 13.67 22.63
C GLN A 311 13.89 12.74 22.26
N TYR A 312 12.69 13.29 22.10
CA TYR A 312 11.53 12.47 21.74
C TYR A 312 11.70 11.95 20.32
N MET A 313 11.98 12.85 19.38
CA MET A 313 12.14 12.45 17.99
C MET A 313 13.32 11.51 17.80
N LYS A 314 14.37 11.67 18.59
CA LYS A 314 15.54 10.78 18.47
C LYS A 314 15.12 9.38 18.90
N ASN A 315 14.31 9.30 19.95
CA ASN A 315 13.84 8.02 20.44
C ASN A 315 12.87 7.41 19.44
N VAL A 316 12.11 8.26 18.74
CA VAL A 316 11.15 7.79 17.75
C VAL A 316 11.88 7.03 16.63
N PHE A 317 12.99 7.59 16.18
CA PHE A 317 13.76 6.98 15.11
C PHE A 317 14.70 5.90 15.62
N LYS A 318 14.96 5.90 16.93
CA LYS A 318 15.81 4.87 17.51
C LYS A 318 14.96 3.60 17.47
N GLU A 319 13.66 3.78 17.71
CA GLU A 319 12.73 2.65 17.71
C GLU A 319 12.39 2.19 16.30
N LYS A 320 12.22 3.14 15.39
CA LYS A 320 11.88 2.81 14.01
C LYS A 320 12.96 1.96 13.37
N TYR A 321 14.18 2.44 13.44
CA TYR A 321 15.33 1.76 12.84
C TYR A 321 16.00 0.77 13.78
N LEU A 322 15.49 0.65 15.00
CA LEU A 322 16.04 -0.27 15.99
C LEU A 322 17.55 -0.05 16.16
N LEU A 323 17.94 1.20 16.35
CA LEU A 323 19.34 1.57 16.52
C LEU A 323 19.83 1.25 17.93
N SER A 324 21.15 1.26 18.09
CA SER A 324 21.78 1.01 19.38
C SER A 324 22.34 2.33 19.88
N GLU A 325 22.42 2.48 21.20
CA GLU A 325 22.94 3.69 21.80
C GLU A 325 24.03 3.33 22.81
N ASP A 326 25.20 3.94 22.67
CA ASP A 326 26.31 3.66 23.58
C ASP A 326 26.33 4.60 24.78
N THR A 327 27.43 4.57 25.53
CA THR A 327 27.58 5.40 26.73
C THR A 327 27.36 6.88 26.48
N SER A 328 28.03 7.43 25.47
CA SER A 328 27.90 8.85 25.14
C SER A 328 26.53 9.20 24.60
N GLY A 329 25.76 8.20 24.19
CA GLY A 329 24.45 8.44 23.65
C GLY A 329 24.48 8.46 22.14
N LYS A 330 25.61 8.07 21.58
CA LYS A 330 25.81 8.03 20.13
C LYS A 330 25.00 6.88 19.56
N PHE A 331 24.42 7.09 18.37
CA PHE A 331 23.63 6.06 17.72
C PHE A 331 24.46 5.31 16.69
N SER A 332 24.16 4.02 16.53
CA SER A 332 24.86 3.17 15.56
C SER A 332 23.93 2.05 15.14
N VAL A 333 24.20 1.48 13.97
CA VAL A 333 23.40 0.39 13.45
C VAL A 333 24.05 -0.95 13.78
N ASP A 334 23.29 -1.84 14.41
CA ASP A 334 23.77 -3.18 14.77
C ASP A 334 23.39 -4.09 13.62
N LYS A 335 24.37 -4.82 13.08
CA LYS A 335 24.12 -5.71 11.94
C LYS A 335 23.02 -6.73 12.19
N LEU A 336 23.02 -7.36 13.36
CA LEU A 336 21.99 -8.36 13.66
C LEU A 336 20.60 -7.75 13.65
N LYS A 337 20.45 -6.60 14.29
CA LYS A 337 19.17 -5.92 14.36
C LYS A 337 18.75 -5.41 12.99
N PHE A 338 19.70 -4.94 12.20
CA PHE A 338 19.37 -4.46 10.86
C PHE A 338 18.86 -5.63 10.04
N ASP A 339 19.64 -6.72 10.02
CA ASP A 339 19.26 -7.90 9.26
C ASP A 339 17.88 -8.40 9.67
N LYS A 340 17.60 -8.37 10.98
CA LYS A 340 16.32 -8.85 11.50
C LYS A 340 15.15 -7.99 10.99
N LEU A 341 15.32 -6.66 11.08
CA LEU A 341 14.28 -5.74 10.63
C LEU A 341 14.11 -5.78 9.11
N TYR A 342 15.23 -5.74 8.39
CA TYR A 342 15.22 -5.80 6.93
C TYR A 342 14.52 -7.07 6.46
N LYS A 343 14.84 -8.18 7.12
CA LYS A 343 14.25 -9.46 6.78
C LYS A 343 12.75 -9.48 7.10
N MET A 344 12.37 -8.88 8.22
CA MET A 344 10.96 -8.82 8.61
C MET A 344 10.15 -8.09 7.54
N LEU A 345 10.64 -6.92 7.15
CA LEU A 345 9.97 -6.08 6.15
C LEU A 345 9.95 -6.64 4.74
N THR A 346 10.94 -7.47 4.40
CA THR A 346 11.04 -7.99 3.05
C THR A 346 10.69 -9.46 2.83
N GLU A 347 10.88 -10.28 3.86
CA GLU A 347 10.59 -11.71 3.74
C GLU A 347 9.42 -12.21 4.56
N ILE A 348 9.15 -11.59 5.70
CA ILE A 348 8.04 -12.03 6.53
C ILE A 348 6.75 -11.41 6.00
N TYR A 349 6.79 -10.13 5.68
CA TYR A 349 5.62 -9.45 5.14
C TYR A 349 5.57 -9.62 3.62
N THR A 350 4.90 -10.67 3.15
CA THR A 350 4.78 -10.91 1.72
C THR A 350 3.35 -11.33 1.40
N GLU A 351 2.94 -11.17 0.15
CA GLU A 351 1.60 -11.56 -0.26
C GLU A 351 1.38 -13.04 0.00
N ASP A 352 2.35 -13.86 -0.38
CA ASP A 352 2.22 -15.30 -0.19
C ASP A 352 1.97 -15.67 1.26
N ASN A 353 2.65 -15.00 2.19
CA ASN A 353 2.42 -15.30 3.60
C ASN A 353 1.03 -14.86 4.06
N PHE A 354 0.52 -13.75 3.55
CA PHE A 354 -0.82 -13.30 3.94
C PHE A 354 -1.89 -14.29 3.48
N VAL A 355 -1.65 -14.92 2.34
CA VAL A 355 -2.59 -15.91 1.82
C VAL A 355 -2.69 -17.05 2.81
N LYS A 356 -1.55 -17.44 3.39
CA LYS A 356 -1.52 -18.52 4.38
C LYS A 356 -2.32 -18.13 5.62
N PHE A 357 -2.24 -16.87 6.02
CA PHE A 357 -2.98 -16.43 7.21
C PHE A 357 -4.47 -16.27 6.96
N PHE A 358 -4.85 -15.79 5.77
CA PHE A 358 -6.26 -15.61 5.47
C PHE A 358 -6.93 -16.94 5.07
N LYS A 359 -6.12 -17.93 4.70
CA LYS A 359 -6.65 -19.23 4.28
C LYS A 359 -7.57 -19.02 3.08
N VAL A 360 -7.07 -18.32 2.07
CA VAL A 360 -7.86 -18.06 0.88
C VAL A 360 -7.13 -18.60 -0.35
N LEU A 361 -7.84 -18.68 -1.46
CA LEU A 361 -7.23 -19.11 -2.72
C LEU A 361 -6.71 -17.81 -3.32
N ASN A 362 -5.59 -17.88 -4.02
CA ASN A 362 -4.98 -16.68 -4.57
C ASN A 362 -4.03 -17.09 -5.68
N ARG A 363 -3.61 -16.14 -6.51
CA ARG A 363 -2.69 -16.45 -7.58
C ARG A 363 -1.46 -17.08 -6.90
N LYS A 364 -0.87 -18.08 -7.54
CA LYS A 364 0.28 -18.78 -6.98
C LYS A 364 1.60 -18.06 -7.30
N THR A 365 1.53 -17.13 -8.24
CA THR A 365 2.70 -16.38 -8.67
C THR A 365 2.26 -15.02 -9.20
N TYR A 366 3.19 -14.06 -9.19
CA TYR A 366 2.94 -12.73 -9.70
C TYR A 366 3.02 -12.78 -11.22
N LEU A 367 3.75 -13.77 -11.72
CA LEU A 367 3.94 -13.95 -13.16
C LEU A 367 2.81 -14.69 -13.85
N ASN A 368 1.63 -14.07 -13.85
CA ASN A 368 0.46 -14.67 -14.48
C ASN A 368 -0.20 -13.63 -15.37
N PHE A 369 -1.44 -13.89 -15.73
CA PHE A 369 -2.21 -12.98 -16.56
C PHE A 369 -3.61 -12.80 -15.96
N ASP A 370 -3.98 -11.56 -15.70
CA ASP A 370 -5.29 -11.30 -15.13
C ASP A 370 -6.40 -11.78 -16.10
N LYS A 371 -7.50 -12.24 -15.52
CA LYS A 371 -8.61 -12.75 -16.34
C LYS A 371 -9.80 -11.80 -16.45
N ALA A 372 -10.15 -11.17 -15.34
CA ALA A 372 -11.30 -10.26 -15.35
C ALA A 372 -11.36 -9.38 -14.11
N VAL A 373 -12.25 -8.40 -14.17
CA VAL A 373 -12.47 -7.50 -13.04
C VAL A 373 -13.97 -7.57 -12.69
N PHE A 374 -14.25 -7.71 -11.39
CA PHE A 374 -15.62 -7.80 -10.90
C PHE A 374 -15.96 -6.65 -9.96
N LYS A 375 -17.26 -6.32 -9.92
CA LYS A 375 -17.76 -5.31 -9.00
C LYS A 375 -18.20 -6.16 -7.81
N ILE A 376 -17.93 -5.69 -6.60
CA ILE A 376 -18.30 -6.41 -5.38
C ILE A 376 -18.76 -5.42 -4.32
N ASN A 377 -19.29 -5.97 -3.23
CA ASN A 377 -19.73 -5.15 -2.11
C ASN A 377 -19.45 -5.94 -0.83
N ILE A 378 -18.31 -5.64 -0.19
CA ILE A 378 -17.93 -6.35 1.01
C ILE A 378 -18.46 -5.76 2.31
N VAL A 379 -19.20 -4.65 2.21
CA VAL A 379 -19.73 -4.01 3.41
C VAL A 379 -20.76 -4.83 4.19
N PRO A 380 -21.75 -5.42 3.52
CA PRO A 380 -22.75 -6.23 4.24
C PRO A 380 -22.11 -7.49 4.82
N LYS A 381 -22.39 -7.78 6.09
CA LYS A 381 -21.83 -8.97 6.73
C LYS A 381 -22.31 -10.25 6.07
N VAL A 382 -23.42 -10.17 5.33
CA VAL A 382 -23.96 -11.34 4.66
C VAL A 382 -23.14 -11.65 3.42
N ASN A 383 -22.26 -10.72 3.04
CA ASN A 383 -21.42 -10.90 1.86
C ASN A 383 -19.97 -11.18 2.19
N TYR A 384 -19.46 -10.45 3.18
CA TYR A 384 -18.04 -10.56 3.53
C TYR A 384 -17.85 -10.21 5.01
N THR A 385 -16.94 -10.92 5.68
CA THR A 385 -16.68 -10.65 7.08
C THR A 385 -15.20 -10.49 7.36
N ILE A 386 -14.89 -9.84 8.47
CA ILE A 386 -13.51 -9.62 8.89
C ILE A 386 -12.79 -10.95 9.09
N TYR A 387 -13.51 -11.92 9.64
CA TYR A 387 -12.95 -13.23 9.95
C TYR A 387 -12.83 -14.24 8.80
N ASP A 388 -13.80 -14.26 7.90
CA ASP A 388 -13.78 -15.22 6.79
C ASP A 388 -13.75 -14.65 5.39
N GLY A 389 -13.75 -13.33 5.25
CA GLY A 389 -13.78 -12.77 3.90
C GLY A 389 -15.05 -13.27 3.24
N PHE A 390 -14.95 -13.76 2.00
CA PHE A 390 -16.13 -14.27 1.28
C PHE A 390 -16.55 -15.67 1.72
N ASN A 391 -15.62 -16.44 2.27
CA ASN A 391 -15.88 -17.83 2.68
C ASN A 391 -16.52 -17.93 4.06
N LEU A 392 -17.76 -17.47 4.14
CA LEU A 392 -18.51 -17.44 5.39
C LEU A 392 -18.67 -18.78 6.10
N ARG A 393 -18.23 -18.83 7.35
CA ARG A 393 -18.31 -20.05 8.14
C ARG A 393 -19.78 -20.47 8.33
N ASN A 394 -19.99 -21.77 8.47
CA ASN A 394 -21.32 -22.33 8.68
C ASN A 394 -22.35 -22.03 7.60
N THR A 395 -21.88 -21.97 6.35
CA THR A 395 -22.75 -21.73 5.20
C THR A 395 -22.15 -22.58 4.09
N ASN A 396 -22.80 -22.62 2.95
CA ASN A 396 -22.30 -23.39 1.81
C ASN A 396 -21.03 -22.78 1.22
N LEU A 397 -20.67 -21.57 1.65
CA LEU A 397 -19.48 -20.90 1.14
C LEU A 397 -18.24 -21.10 2.02
N ALA A 398 -18.41 -21.78 3.14
CA ALA A 398 -17.31 -22.00 4.07
C ALA A 398 -16.15 -22.87 3.56
N ALA A 399 -16.46 -23.94 2.86
CA ALA A 399 -15.42 -24.84 2.39
C ALA A 399 -15.00 -24.68 0.93
N ASN A 400 -13.83 -25.20 0.63
CA ASN A 400 -13.28 -25.19 -0.72
C ASN A 400 -13.26 -23.81 -1.38
N PHE A 401 -13.16 -22.77 -0.56
CA PHE A 401 -13.11 -21.41 -1.06
C PHE A 401 -14.35 -21.10 -1.89
N ASN A 402 -15.47 -21.72 -1.53
CA ASN A 402 -16.72 -21.53 -2.26
C ASN A 402 -17.16 -20.07 -2.33
N GLY A 403 -16.78 -19.29 -1.33
CA GLY A 403 -17.13 -17.88 -1.30
C GLY A 403 -16.39 -17.10 -2.37
N GLN A 404 -15.20 -17.55 -2.72
CA GLN A 404 -14.40 -16.89 -3.76
C GLN A 404 -14.73 -17.43 -5.15
N ASN A 405 -15.50 -18.52 -5.18
CA ASN A 405 -15.91 -19.14 -6.43
C ASN A 405 -17.02 -18.27 -7.01
N THR A 406 -16.71 -17.50 -8.05
CA THR A 406 -17.69 -16.60 -8.62
C THR A 406 -18.87 -17.29 -9.29
N GLU A 407 -18.74 -18.59 -9.53
CA GLU A 407 -19.80 -19.35 -10.16
C GLU A 407 -20.78 -19.87 -9.11
N ILE A 408 -20.26 -20.22 -7.94
CA ILE A 408 -21.10 -20.71 -6.86
C ILE A 408 -21.69 -19.52 -6.10
N ASN A 409 -20.85 -18.53 -5.81
CA ASN A 409 -21.26 -17.33 -5.09
C ASN A 409 -21.44 -16.19 -6.09
N ASN A 410 -22.18 -16.46 -7.17
CA ASN A 410 -22.40 -15.48 -8.23
C ASN A 410 -23.13 -14.21 -7.82
N MET A 411 -23.91 -14.25 -6.75
CA MET A 411 -24.65 -13.08 -6.29
C MET A 411 -23.73 -12.00 -5.73
N ASN A 412 -22.48 -12.35 -5.46
CA ASN A 412 -21.53 -11.40 -4.90
C ASN A 412 -20.56 -10.82 -5.92
N PHE A 413 -20.74 -11.19 -7.20
CA PHE A 413 -19.84 -10.70 -8.23
C PHE A 413 -20.54 -10.34 -9.53
N THR A 414 -20.14 -9.21 -10.11
CA THR A 414 -20.66 -8.77 -11.39
C THR A 414 -19.45 -8.55 -12.27
N LYS A 415 -19.27 -9.40 -13.28
CA LYS A 415 -18.11 -9.25 -14.16
C LYS A 415 -18.29 -8.01 -15.04
N LEU A 416 -17.34 -7.10 -14.95
CA LEU A 416 -17.39 -5.87 -15.71
C LEU A 416 -16.59 -5.93 -17.01
N LYS A 417 -15.53 -6.72 -17.01
CA LYS A 417 -14.69 -6.81 -18.18
C LYS A 417 -13.82 -8.07 -18.17
N ASN A 418 -13.67 -8.68 -19.35
CA ASN A 418 -12.84 -9.86 -19.51
C ASN A 418 -11.51 -9.39 -20.09
N PHE A 419 -10.41 -9.91 -19.56
CA PHE A 419 -9.10 -9.52 -20.05
C PHE A 419 -8.45 -10.58 -20.95
N THR A 420 -8.84 -11.83 -20.75
CA THR A 420 -8.28 -12.93 -21.53
C THR A 420 -8.41 -12.70 -23.03
N GLY A 421 -7.32 -12.90 -23.76
CA GLY A 421 -7.32 -12.72 -25.19
C GLY A 421 -7.00 -11.30 -25.62
N LEU A 422 -7.02 -10.37 -24.68
CA LEU A 422 -6.74 -8.96 -24.98
C LEU A 422 -5.27 -8.60 -24.87
N PHE A 423 -4.43 -9.57 -24.51
CA PHE A 423 -3.00 -9.31 -24.38
C PHE A 423 -2.30 -9.43 -25.73
N ARG B 1 1.71 -2.74 -6.79
CA ARG B 1 1.02 -2.84 -8.08
C ARG B 1 0.68 -4.29 -8.41
N ARG B 2 -0.49 -4.49 -9.01
CA ARG B 2 -0.99 -5.81 -9.37
C ARG B 2 -0.23 -6.51 -10.50
N GLY B 3 0.12 -5.77 -11.54
CA GLY B 3 0.87 -6.33 -12.65
C GLY B 3 -0.02 -6.91 -13.75
N MET B 4 0.58 -7.68 -14.64
CA MET B 4 -0.14 -8.31 -15.76
C MET B 4 -1.17 -9.32 -15.29
N NH2 B 5 -0.84 -10.00 -14.28
ZN ZN C . 2.87 -4.51 -6.44
S SO4 D . 12.49 -9.97 18.95
O1 SO4 D . 13.36 -8.78 18.88
O2 SO4 D . 12.21 -10.30 20.37
O3 SO4 D . 11.22 -9.72 18.25
O4 SO4 D . 13.19 -11.11 18.30
S SO4 E . 11.25 8.58 -4.12
O1 SO4 E . 11.16 9.68 -3.15
O2 SO4 E . 9.93 7.92 -4.21
O3 SO4 E . 11.59 9.12 -5.45
O4 SO4 E . 12.27 7.61 -3.70
S SO4 F . 8.08 3.84 -8.05
O1 SO4 F . 8.81 4.63 -7.04
O2 SO4 F . 6.65 3.81 -7.71
O3 SO4 F . 8.26 4.45 -9.39
O4 SO4 F . 8.60 2.46 -8.06
#